data_4NFN
#
_entry.id   4NFN
#
_cell.length_a   169.490
_cell.length_b   39.910
_cell.length_c   50.530
_cell.angle_alpha   90.00
_cell.angle_beta   105.34
_cell.angle_gamma   90.00
#
_symmetry.space_group_name_H-M   'C 1 2 1'
#
loop_
_entity.id
_entity.type
_entity.pdbx_description
1 polymer 'Tau-tubulin kinase 1'
2 non-polymer 3-({5-[(4-amino-4-methylpiperidin-1-yl)methyl]pyrrolo[2,1-f][1,2,4]triazin-4-yl}amino)-5-bromophenol
3 non-polymer 'SULFATE ION'
4 water water
#
_entity_poly.entity_id   1
_entity_poly.type   'polypeptide(L)'
_entity_poly.pdbx_seq_one_letter_code
;GHMSGGGEQADILPANYVVKDRWKVLKKIGGGGFGEIYEAMDLLTRENVALKVESAQQPKQVLKMEVAVLKKLQGKDHVC
RFIGCGRNEKFNYVVMQLQGRNLADLRRSQPRGTFTLSTTLRLGKQILESIEAIHSVGFLHRDIKPSNFAMGRLPSTYRK
CYMLDFGLARQYTNTTGDVRPPRNVAGFRGTVRYASVNAHKNREMGRHDDLWSLFYMLVEFAVGQLPWRKIKDKEQVGMI
KEKYEHRMLLKHMPSEFHLFLDHIASLDYFTKPDYQLIMSVFENSMKERGIAENEAFDWEKAGTDALLS
;
_entity_poly.pdbx_strand_id   A
#
loop_
_chem_comp.id
_chem_comp.type
_chem_comp.name
_chem_comp.formula
2KC non-polymer 3-({5-[(4-amino-4-methylpiperidin-1-yl)methyl]pyrrolo[2,1-f][1,2,4]triazin-4-yl}amino)-5-bromophenol 'C19 H23 Br N6 O'
SO4 non-polymer 'SULFATE ION' 'O4 S -2'
#
# COMPACT_ATOMS: atom_id res chain seq x y z
N ASP A 11 -10.54 14.83 18.18
CA ASP A 11 -10.49 15.04 16.74
C ASP A 11 -10.13 16.48 16.39
N ILE A 12 -9.21 16.65 15.42
CA ILE A 12 -8.75 17.94 14.92
C ILE A 12 -9.95 18.69 14.32
N LEU A 13 -10.78 17.99 13.52
CA LEU A 13 -11.95 18.63 12.92
C LEU A 13 -13.26 17.94 13.32
N PRO A 14 -14.28 18.72 13.75
CA PRO A 14 -15.57 18.10 14.08
C PRO A 14 -16.42 17.92 12.82
N ALA A 15 -17.53 17.14 12.92
CA ALA A 15 -18.44 16.96 11.79
C ALA A 15 -19.01 18.32 11.36
N ASN A 16 -19.26 18.49 10.05
CA ASN A 16 -19.78 19.72 9.44
C ASN A 16 -18.75 20.84 9.35
N TYR A 17 -17.50 20.64 9.88
CA TYR A 17 -16.45 21.65 9.69
C TYR A 17 -16.20 21.74 8.17
N VAL A 18 -16.08 22.97 7.66
CA VAL A 18 -15.82 23.20 6.25
C VAL A 18 -14.41 23.73 6.03
N VAL A 19 -13.61 22.98 5.28
CA VAL A 19 -12.25 23.37 4.94
C VAL A 19 -12.26 24.19 3.67
N LYS A 20 -11.61 25.38 3.68
CA LYS A 20 -11.47 26.28 2.54
C LYS A 20 -12.81 26.53 1.79
N ASP A 21 -13.91 26.65 2.57
CA ASP A 21 -15.29 26.89 2.09
C ASP A 21 -15.70 25.88 1.02
N ARG A 22 -15.05 24.70 1.02
CA ARG A 22 -15.36 23.72 -0.02
C ARG A 22 -15.54 22.30 0.50
N TRP A 23 -14.74 21.86 1.48
CA TRP A 23 -14.81 20.45 1.87
C TRP A 23 -15.41 20.29 3.24
N LYS A 24 -16.62 19.73 3.29
CA LYS A 24 -17.38 19.59 4.52
C LYS A 24 -17.17 18.23 5.15
N VAL A 25 -16.61 18.21 6.37
CA VAL A 25 -16.31 16.96 7.07
C VAL A 25 -17.61 16.20 7.36
N LEU A 26 -17.64 14.91 6.99
CA LEU A 26 -18.76 14.04 7.26
C LEU A 26 -18.48 13.13 8.47
N LYS A 27 -17.34 12.40 8.44
CA LYS A 27 -16.98 11.51 9.54
C LYS A 27 -15.51 11.20 9.46
N LYS A 28 -14.94 10.73 10.57
CA LYS A 28 -13.55 10.29 10.60
C LYS A 28 -13.48 8.85 10.05
N ILE A 29 -12.51 8.57 9.18
CA ILE A 29 -12.35 7.25 8.54
C ILE A 29 -10.99 6.62 8.82
N GLY A 30 -10.10 7.34 9.49
CA GLY A 30 -8.79 6.79 9.80
C GLY A 30 -7.87 7.73 10.55
N GLY A 31 -6.70 7.22 10.90
CA GLY A 31 -5.64 7.96 11.59
C GLY A 31 -5.94 8.34 13.03
N GLY A 32 -5.12 9.25 13.56
CA GLY A 32 -5.23 9.74 14.93
C GLY A 32 -3.93 10.23 15.53
N GLY A 33 -2.84 9.51 15.27
CA GLY A 33 -1.51 9.77 15.80
C GLY A 33 -0.74 10.88 15.12
N PHE A 34 -0.32 10.66 13.87
CA PHE A 34 0.42 11.64 13.07
C PHE A 34 -0.54 12.60 12.36
N GLY A 35 -1.73 12.12 12.02
CA GLY A 35 -2.73 12.89 11.32
C GLY A 35 -4.05 12.12 11.29
N GLU A 36 -5.14 12.81 10.92
CA GLU A 36 -6.48 12.20 10.92
C GLU A 36 -7.08 12.27 9.53
N ILE A 37 -7.85 11.25 9.15
CA ILE A 37 -8.42 11.18 7.79
C ILE A 37 -9.92 11.16 7.90
N TYR A 38 -10.56 12.00 7.08
CA TYR A 38 -12.00 12.12 7.09
C TYR A 38 -12.59 11.86 5.73
N GLU A 39 -13.86 11.48 5.70
CA GLU A 39 -14.64 11.47 4.47
C GLU A 39 -15.32 12.84 4.50
N ALA A 40 -15.28 13.57 3.38
CA ALA A 40 -15.85 14.91 3.30
C ALA A 40 -16.65 15.06 2.04
N MET A 41 -17.58 16.03 2.03
CA MET A 41 -18.39 16.35 0.86
CA MET A 41 -18.33 16.29 0.82
C MET A 41 -17.71 17.50 0.12
N ASP A 42 -17.47 17.35 -1.17
CA ASP A 42 -16.90 18.44 -1.96
C ASP A 42 -18.11 19.28 -2.39
N LEU A 43 -18.23 20.49 -1.83
CA LEU A 43 -19.40 21.36 -2.08
C LEU A 43 -19.40 21.92 -3.49
N LEU A 44 -18.27 21.82 -4.20
CA LEU A 44 -18.21 22.27 -5.58
C LEU A 44 -18.59 21.15 -6.55
N THR A 45 -17.83 20.05 -6.55
CA THR A 45 -18.06 18.95 -7.50
C THR A 45 -19.17 17.98 -7.10
N ARG A 46 -19.54 17.99 -5.80
CA ARG A 46 -20.66 17.27 -5.21
C ARG A 46 -20.41 15.79 -4.91
N GLU A 47 -19.16 15.34 -5.15
CA GLU A 47 -18.81 13.96 -4.78
C GLU A 47 -18.22 13.99 -3.34
N ASN A 48 -18.09 12.83 -2.72
CA ASN A 48 -17.38 12.72 -1.45
C ASN A 48 -15.92 12.49 -1.79
N VAL A 49 -15.05 12.92 -0.90
CA VAL A 49 -13.61 12.86 -1.05
C VAL A 49 -12.95 12.42 0.25
N ALA A 50 -11.63 12.17 0.20
CA ALA A 50 -10.89 11.88 1.42
C ALA A 50 -10.09 13.13 1.78
N LEU A 51 -10.04 13.46 3.08
CA LEU A 51 -9.37 14.66 3.55
C LEU A 51 -8.46 14.28 4.72
N LYS A 52 -7.13 14.57 4.63
CA LYS A 52 -6.22 14.23 5.73
C LYS A 52 -5.74 15.54 6.31
N VAL A 53 -5.68 15.60 7.64
CA VAL A 53 -5.25 16.80 8.32
C VAL A 53 -4.16 16.50 9.31
N GLU A 54 -3.27 17.43 9.53
CA GLU A 54 -2.29 17.23 10.57
C GLU A 54 -2.13 18.55 11.31
N SER A 55 -1.91 18.48 12.64
CA SER A 55 -1.74 19.70 13.42
C SER A 55 -0.56 20.56 12.94
N ALA A 56 -0.77 21.89 12.84
CA ALA A 56 0.29 22.84 12.45
C ALA A 56 1.38 22.91 13.53
N GLN A 57 1.04 22.51 14.76
CA GLN A 57 1.96 22.53 15.90
C GLN A 57 2.80 21.25 16.02
N GLN A 58 2.38 20.16 15.31
CA GLN A 58 3.04 18.85 15.32
C GLN A 58 4.55 18.93 15.01
N PRO A 59 5.43 18.36 15.86
CA PRO A 59 6.88 18.44 15.60
C PRO A 59 7.31 17.70 14.33
N LYS A 60 6.72 16.52 14.08
CA LYS A 60 6.99 15.71 12.90
C LYS A 60 5.81 15.86 11.94
N GLN A 61 6.03 16.61 10.86
CA GLN A 61 5.00 16.90 9.86
C GLN A 61 5.34 16.21 8.55
N VAL A 62 4.41 15.39 8.04
CA VAL A 62 4.68 14.62 6.83
C VAL A 62 3.84 15.05 5.67
N LEU A 63 2.79 15.86 5.90
CA LEU A 63 1.88 16.14 4.79
C LEU A 63 2.51 16.76 3.56
N LYS A 64 3.51 17.63 3.73
CA LYS A 64 4.18 18.28 2.60
C LYS A 64 4.85 17.21 1.72
N MET A 65 5.49 16.21 2.36
CA MET A 65 6.13 15.13 1.61
C MET A 65 5.04 14.26 0.98
N GLU A 66 3.99 13.93 1.74
CA GLU A 66 2.91 13.10 1.22
C GLU A 66 2.24 13.73 -0.04
N VAL A 67 1.97 15.06 -0.04
CA VAL A 67 1.43 15.78 -1.19
C VAL A 67 2.42 15.72 -2.38
N ALA A 68 3.72 15.86 -2.09
CA ALA A 68 4.76 15.85 -3.12
C ALA A 68 4.75 14.51 -3.85
N VAL A 69 4.62 13.38 -3.11
CA VAL A 69 4.55 12.06 -3.75
C VAL A 69 3.27 11.91 -4.55
N LEU A 70 2.15 12.31 -3.96
CA LEU A 70 0.88 12.22 -4.65
C LEU A 70 0.91 13.01 -5.98
N LYS A 71 1.47 14.22 -5.96
CA LYS A 71 1.55 15.04 -7.19
C LYS A 71 2.47 14.40 -8.24
N LYS A 72 3.59 13.83 -7.79
CA LYS A 72 4.52 13.17 -8.71
C LYS A 72 3.92 11.97 -9.39
N LEU A 73 2.94 11.31 -8.73
CA LEU A 73 2.32 10.12 -9.26
C LEU A 73 1.10 10.40 -10.14
N GLN A 74 0.68 11.66 -10.24
CA GLN A 74 -0.49 11.94 -11.08
C GLN A 74 -0.21 11.53 -12.54
N GLY A 75 -1.14 10.81 -13.13
CA GLY A 75 -0.98 10.28 -14.47
C GLY A 75 -0.80 8.78 -14.47
N LYS A 76 -0.29 8.24 -13.36
CA LYS A 76 -0.06 6.80 -13.18
C LYS A 76 -1.36 6.08 -12.84
N ASP A 77 -1.45 4.79 -13.17
CA ASP A 77 -2.62 4.02 -12.78
C ASP A 77 -2.47 3.71 -11.26
N HIS A 78 -3.55 3.31 -10.59
CA HIS A 78 -3.55 2.89 -9.17
C HIS A 78 -3.27 4.03 -8.18
N VAL A 79 -3.40 5.29 -8.62
CA VAL A 79 -3.17 6.45 -7.75
C VAL A 79 -4.43 7.31 -7.72
N CYS A 80 -4.80 7.79 -6.53
CA CYS A 80 -5.94 8.68 -6.35
C CYS A 80 -5.69 9.99 -7.06
N ARG A 81 -6.76 10.61 -7.57
CA ARG A 81 -6.61 11.95 -8.15
C ARG A 81 -6.36 12.97 -7.02
N PHE A 82 -5.39 13.88 -7.25
CA PHE A 82 -5.12 14.96 -6.32
C PHE A 82 -6.24 15.99 -6.48
N ILE A 83 -6.81 16.46 -5.36
CA ILE A 83 -7.91 17.44 -5.37
C ILE A 83 -7.46 18.79 -4.80
N GLY A 84 -6.72 18.78 -3.71
CA GLY A 84 -6.27 20.05 -3.13
C GLY A 84 -5.42 19.88 -1.90
N CYS A 85 -4.79 20.97 -1.46
CA CYS A 85 -3.98 20.94 -0.27
C CYS A 85 -3.86 22.37 0.23
N GLY A 86 -3.44 22.50 1.48
CA GLY A 86 -3.25 23.83 2.05
C GLY A 86 -2.68 23.79 3.43
N ARG A 87 -2.37 24.99 3.95
CA ARG A 87 -1.79 25.17 5.27
C ARG A 87 -2.31 26.46 5.87
N ASN A 88 -2.66 26.40 7.15
CA ASN A 88 -3.11 27.55 7.92
C ASN A 88 -2.53 27.44 9.35
N GLU A 89 -2.91 28.38 10.24
CA GLU A 89 -2.40 28.46 11.60
C GLU A 89 -2.71 27.25 12.49
N LYS A 90 -3.81 26.50 12.22
CA LYS A 90 -4.20 25.36 13.04
C LYS A 90 -3.81 23.99 12.44
N PHE A 91 -3.89 23.85 11.11
CA PHE A 91 -3.60 22.56 10.47
C PHE A 91 -3.15 22.68 9.02
N ASN A 92 -2.53 21.60 8.51
CA ASN A 92 -2.17 21.42 7.11
C ASN A 92 -3.17 20.35 6.63
N TYR A 93 -3.52 20.36 5.33
CA TYR A 93 -4.47 19.35 4.81
C TYR A 93 -4.16 18.97 3.40
N VAL A 94 -4.62 17.77 3.02
CA VAL A 94 -4.55 17.30 1.64
C VAL A 94 -5.92 16.65 1.35
N VAL A 95 -6.43 16.85 0.14
CA VAL A 95 -7.72 16.28 -0.27
C VAL A 95 -7.44 15.44 -1.50
N MET A 96 -7.92 14.18 -1.50
CA MET A 96 -7.75 13.37 -2.70
C MET A 96 -8.97 12.50 -2.94
N GLN A 97 -9.03 11.90 -4.12
CA GLN A 97 -10.13 11.04 -4.51
C GLN A 97 -10.36 9.95 -3.45
N LEU A 98 -11.62 9.71 -3.12
CA LEU A 98 -12.01 8.70 -2.15
C LEU A 98 -12.15 7.35 -2.84
N GLN A 99 -11.60 6.30 -2.25
CA GLN A 99 -11.68 4.94 -2.78
C GLN A 99 -12.59 4.11 -1.90
N GLY A 100 -12.77 2.85 -2.31
CA GLY A 100 -13.73 2.00 -1.65
C GLY A 100 -13.17 0.95 -0.71
N ARG A 101 -13.61 -0.30 -0.90
CA ARG A 101 -13.30 -1.39 -0.01
C ARG A 101 -11.83 -1.79 -0.03
N ASN A 102 -11.23 -1.98 1.16
CA ASN A 102 -9.82 -2.36 1.16
C ASN A 102 -9.63 -3.85 1.13
N LEU A 103 -8.43 -4.28 0.72
CA LEU A 103 -8.19 -5.71 0.55
C LEU A 103 -8.17 -6.51 1.85
N ALA A 104 -7.89 -5.87 2.98
CA ALA A 104 -7.94 -6.59 4.27
C ALA A 104 -9.40 -7.00 4.59
N ASP A 105 -10.33 -6.04 4.42
CA ASP A 105 -11.74 -6.30 4.68
C ASP A 105 -12.31 -7.27 3.66
N LEU A 106 -11.97 -7.08 2.36
CA LEU A 106 -12.46 -7.98 1.32
C LEU A 106 -11.99 -9.40 1.57
N ARG A 107 -10.72 -9.58 1.98
CA ARG A 107 -10.25 -10.95 2.24
C ARG A 107 -10.99 -11.58 3.42
N ARG A 108 -11.18 -10.82 4.51
CA ARG A 108 -11.87 -11.34 5.71
C ARG A 108 -13.33 -11.67 5.45
N SER A 109 -13.95 -11.03 4.46
CA SER A 109 -15.36 -11.27 4.10
C SER A 109 -15.54 -12.54 3.28
N GLN A 110 -14.41 -13.12 2.78
CA GLN A 110 -14.48 -14.35 2.00
C GLN A 110 -14.75 -15.51 2.95
N PRO A 111 -15.51 -16.54 2.47
CA PRO A 111 -15.93 -17.64 3.35
C PRO A 111 -14.85 -18.28 4.21
N ARG A 112 -13.65 -18.51 3.64
CA ARG A 112 -12.55 -19.14 4.37
C ARG A 112 -11.40 -18.17 4.63
N GLY A 113 -11.69 -16.87 4.49
CA GLY A 113 -10.66 -15.85 4.65
C GLY A 113 -9.53 -15.94 3.65
N THR A 114 -9.81 -16.51 2.47
CA THR A 114 -8.84 -16.62 1.40
C THR A 114 -9.42 -16.10 0.11
N PHE A 115 -8.55 -15.59 -0.78
CA PHE A 115 -8.97 -15.27 -2.13
C PHE A 115 -8.59 -16.47 -2.98
N THR A 116 -9.25 -16.62 -4.12
CA THR A 116 -8.86 -17.63 -5.10
C THR A 116 -7.51 -17.18 -5.69
N LEU A 117 -6.83 -18.11 -6.35
CA LEU A 117 -5.59 -17.77 -7.02
C LEU A 117 -5.84 -16.75 -8.15
N SER A 118 -7.03 -16.82 -8.80
CA SER A 118 -7.39 -15.89 -9.85
C SER A 118 -7.38 -14.46 -9.32
N THR A 119 -8.08 -14.26 -8.18
CA THR A 119 -8.14 -12.91 -7.59
C THR A 119 -6.74 -12.54 -7.05
N THR A 120 -6.09 -13.47 -6.32
CA THR A 120 -4.76 -13.18 -5.76
C THR A 120 -3.73 -12.70 -6.81
N LEU A 121 -3.63 -13.42 -7.92
CA LEU A 121 -2.66 -13.08 -8.94
C LEU A 121 -2.99 -11.78 -9.66
N ARG A 122 -4.30 -11.53 -9.91
CA ARG A 122 -4.66 -10.29 -10.60
C ARG A 122 -4.43 -9.11 -9.68
N LEU A 123 -4.69 -9.30 -8.37
CA LEU A 123 -4.39 -8.18 -7.45
C LEU A 123 -2.89 -8.01 -7.35
N GLY A 124 -2.14 -9.11 -7.37
CA GLY A 124 -0.68 -8.98 -7.30
C GLY A 124 -0.12 -8.17 -8.44
N LYS A 125 -0.63 -8.39 -9.65
CA LYS A 125 -0.16 -7.60 -10.80
C LYS A 125 -0.48 -6.11 -10.58
N GLN A 126 -1.71 -5.81 -10.12
CA GLN A 126 -2.05 -4.39 -9.94
C GLN A 126 -1.18 -3.74 -8.87
N ILE A 127 -0.98 -4.46 -7.76
CA ILE A 127 -0.18 -3.92 -6.65
C ILE A 127 1.29 -3.75 -7.10
N LEU A 128 1.85 -4.73 -7.82
CA LEU A 128 3.23 -4.60 -8.33
C LEU A 128 3.34 -3.34 -9.21
N GLU A 129 2.34 -3.11 -10.08
CA GLU A 129 2.40 -1.91 -10.93
C GLU A 129 2.50 -0.66 -10.07
N SER A 130 1.68 -0.61 -8.99
CA SER A 130 1.70 0.57 -8.14
C SER A 130 3.03 0.72 -7.39
N ILE A 131 3.65 -0.39 -7.00
CA ILE A 131 4.94 -0.33 -6.31
C ILE A 131 6.04 0.17 -7.26
N GLU A 132 6.06 -0.36 -8.49
CA GLU A 132 7.03 0.13 -9.47
C GLU A 132 6.81 1.63 -9.75
N ALA A 133 5.54 2.09 -9.77
CA ALA A 133 5.24 3.50 -10.01
C ALA A 133 5.80 4.39 -8.91
N ILE A 134 5.54 4.05 -7.63
CA ILE A 134 6.09 4.92 -6.57
C ILE A 134 7.64 4.89 -6.59
N HIS A 135 8.23 3.72 -6.82
CA HIS A 135 9.69 3.65 -6.91
C HIS A 135 10.23 4.49 -8.07
N SER A 136 9.49 4.53 -9.19
CA SER A 136 9.92 5.28 -10.39
C SER A 136 10.03 6.77 -10.14
N VAL A 137 9.28 7.29 -9.17
CA VAL A 137 9.32 8.73 -8.82
C VAL A 137 10.25 8.99 -7.61
N GLY A 138 11.00 7.96 -7.21
CA GLY A 138 12.02 8.09 -6.19
C GLY A 138 11.63 7.87 -4.75
N PHE A 139 10.46 7.24 -4.51
CA PHE A 139 10.02 7.03 -3.14
C PHE A 139 9.72 5.59 -2.86
N LEU A 140 9.98 5.23 -1.60
CA LEU A 140 9.57 3.92 -1.05
C LEU A 140 8.24 4.15 -0.33
N HIS A 141 7.32 3.18 -0.37
CA HIS A 141 6.06 3.31 0.35
C HIS A 141 6.30 3.02 1.85
N ARG A 142 6.93 1.87 2.14
CA ARG A 142 7.36 1.43 3.47
C ARG A 142 6.22 0.90 4.36
N ASP A 143 4.98 0.90 3.87
CA ASP A 143 3.91 0.29 4.65
C ASP A 143 2.92 -0.36 3.74
N ILE A 144 3.45 -1.22 2.86
CA ILE A 144 2.62 -1.97 1.93
C ILE A 144 1.87 -3.02 2.74
N LYS A 145 0.55 -2.93 2.76
CA LYS A 145 -0.28 -3.82 3.54
C LYS A 145 -1.67 -3.82 2.92
N PRO A 146 -2.49 -4.85 3.17
CA PRO A 146 -3.81 -4.91 2.51
C PRO A 146 -4.72 -3.72 2.80
N SER A 147 -4.64 -3.10 3.99
CA SER A 147 -5.54 -1.97 4.24
C SER A 147 -5.10 -0.71 3.51
N ASN A 148 -3.90 -0.71 2.93
CA ASN A 148 -3.44 0.41 2.12
C ASN A 148 -3.72 0.19 0.64
N PHE A 149 -4.56 -0.84 0.29
CA PHE A 149 -4.96 -1.06 -1.09
C PHE A 149 -6.46 -1.10 -1.12
N ALA A 150 -7.08 -0.26 -1.94
CA ALA A 150 -8.55 -0.22 -1.97
C ALA A 150 -9.06 -0.32 -3.40
N MET A 151 -10.18 -1.01 -3.55
CA MET A 151 -10.82 -1.07 -4.86
C MET A 151 -11.57 0.22 -5.11
N GLY A 152 -11.83 0.53 -6.36
CA GLY A 152 -12.59 1.72 -6.72
C GLY A 152 -14.04 1.64 -6.25
N ARG A 153 -14.74 2.78 -6.33
CA ARG A 153 -16.12 2.90 -5.86
CA ARG A 153 -16.14 2.80 -5.91
C ARG A 153 -17.02 3.46 -6.97
N LEU A 154 -16.59 3.39 -8.23
CA LEU A 154 -17.36 3.98 -9.35
C LEU A 154 -17.51 2.99 -10.48
N PRO A 155 -18.47 3.20 -11.39
CA PRO A 155 -18.53 2.34 -12.59
C PRO A 155 -17.22 2.28 -13.40
N SER A 156 -16.43 3.36 -13.40
CA SER A 156 -15.17 3.45 -14.15
C SER A 156 -13.96 2.93 -13.37
N THR A 157 -14.14 2.57 -12.08
CA THR A 157 -13.00 2.19 -11.25
C THR A 157 -13.21 0.97 -10.38
N TYR A 158 -14.39 0.36 -10.35
CA TYR A 158 -14.67 -0.68 -9.37
C TYR A 158 -13.82 -1.95 -9.50
N ARG A 159 -13.12 -2.11 -10.64
CA ARG A 159 -12.23 -3.27 -10.83
C ARG A 159 -10.76 -2.85 -10.80
N LYS A 160 -10.51 -1.60 -10.37
CA LYS A 160 -9.17 -1.04 -10.25
C LYS A 160 -8.79 -0.98 -8.80
N CYS A 161 -7.54 -1.32 -8.51
CA CYS A 161 -7.04 -1.33 -7.15
C CYS A 161 -6.08 -0.15 -6.99
N TYR A 162 -6.24 0.61 -5.90
CA TYR A 162 -5.46 1.82 -5.63
C TYR A 162 -4.56 1.69 -4.44
N MET A 163 -3.34 2.19 -4.59
CA MET A 163 -2.38 2.29 -3.52
C MET A 163 -2.72 3.55 -2.74
N LEU A 164 -2.81 3.43 -1.42
CA LEU A 164 -3.11 4.56 -0.56
C LEU A 164 -2.03 4.81 0.44
N ASP A 165 -1.98 6.07 0.88
CA ASP A 165 -1.27 6.56 2.06
C ASP A 165 0.21 6.65 1.91
N PHE A 166 0.72 7.86 1.74
CA PHE A 166 2.15 8.09 1.60
C PHE A 166 2.75 8.68 2.87
N GLY A 167 2.03 8.61 3.99
CA GLY A 167 2.47 9.17 5.27
C GLY A 167 3.77 8.59 5.80
N LEU A 168 4.08 7.33 5.44
CA LEU A 168 5.31 6.71 5.90
C LEU A 168 6.34 6.62 4.77
N ALA A 169 6.07 7.23 3.61
CA ALA A 169 7.01 7.14 2.49
C ALA A 169 8.33 7.85 2.79
N ARG A 170 9.35 7.49 2.02
CA ARG A 170 10.65 8.13 2.14
C ARG A 170 11.28 8.20 0.76
N GLN A 171 11.87 9.37 0.44
CA GLN A 171 12.60 9.50 -0.82
C GLN A 171 13.90 8.71 -0.72
N TYR A 172 14.15 7.80 -1.69
CA TYR A 172 15.39 7.02 -1.61
C TYR A 172 16.48 7.55 -2.53
N THR A 173 16.17 8.60 -3.29
CA THR A 173 17.13 9.21 -4.22
C THR A 173 17.52 10.60 -3.74
N ASN A 174 18.56 11.21 -4.37
CA ASN A 174 18.91 12.60 -4.14
C ASN A 174 18.17 13.41 -5.23
N THR A 175 18.62 14.65 -5.52
CA THR A 175 18.01 15.48 -6.56
C THR A 175 18.29 14.99 -7.99
N THR A 176 19.40 14.25 -8.19
CA THR A 176 19.85 13.78 -9.52
C THR A 176 19.61 12.29 -9.82
N GLY A 177 18.64 11.67 -9.12
CA GLY A 177 18.26 10.29 -9.35
C GLY A 177 19.18 9.22 -8.80
N ASP A 178 20.26 9.61 -8.07
CA ASP A 178 21.16 8.62 -7.49
C ASP A 178 20.57 8.13 -6.19
N VAL A 179 20.87 6.89 -5.82
CA VAL A 179 20.41 6.32 -4.57
C VAL A 179 21.12 7.03 -3.42
N ARG A 180 20.35 7.56 -2.47
CA ARG A 180 20.91 8.21 -1.28
C ARG A 180 21.66 7.18 -0.43
N PRO A 181 22.64 7.60 0.38
CA PRO A 181 23.27 6.64 1.28
C PRO A 181 22.25 6.14 2.33
N PRO A 182 22.33 4.85 2.68
CA PRO A 182 21.49 4.35 3.76
C PRO A 182 21.98 4.85 5.11
N ARG A 183 21.07 5.15 6.04
CA ARG A 183 21.52 5.51 7.38
C ARG A 183 22.07 4.25 8.03
N ASN A 184 22.93 4.43 9.05
CA ASN A 184 23.53 3.33 9.74
C ASN A 184 22.52 2.51 10.55
N VAL A 185 21.40 3.11 10.91
CA VAL A 185 20.30 2.43 11.60
C VAL A 185 19.06 3.20 11.18
N ALA A 186 17.93 2.50 11.04
CA ALA A 186 16.67 3.17 10.71
C ALA A 186 15.60 2.36 11.42
N GLY A 187 14.97 2.94 12.46
CA GLY A 187 13.95 2.21 13.20
C GLY A 187 12.74 1.99 12.32
N PHE A 188 12.37 0.74 12.04
CA PHE A 188 11.30 0.48 11.07
C PHE A 188 9.92 0.99 11.54
N ARG A 189 9.17 1.59 10.58
CA ARG A 189 7.91 2.29 10.83
C ARG A 189 6.65 1.52 10.43
N GLY A 190 6.79 0.60 9.48
CA GLY A 190 5.66 -0.12 8.91
C GLY A 190 5.03 -1.13 9.84
N THR A 191 3.92 -1.67 9.39
CA THR A 191 3.14 -2.66 10.12
C THR A 191 3.97 -3.92 10.32
N VAL A 192 3.95 -4.44 11.54
CA VAL A 192 4.76 -5.59 11.85
C VAL A 192 4.49 -6.81 10.96
N ARG A 193 3.22 -7.14 10.69
CA ARG A 193 2.96 -8.38 10.00
C ARG A 193 3.66 -8.52 8.63
N TYR A 194 3.75 -7.42 7.87
CA TYR A 194 4.27 -7.49 6.50
C TYR A 194 5.67 -6.92 6.34
N ALA A 195 6.34 -6.59 7.45
CA ALA A 195 7.67 -6.00 7.33
C ALA A 195 8.71 -7.05 6.92
N SER A 196 9.70 -6.63 6.10
CA SER A 196 10.74 -7.57 5.69
C SER A 196 11.68 -7.87 6.86
N VAL A 197 12.49 -8.92 6.71
CA VAL A 197 13.51 -9.21 7.75
C VAL A 197 14.50 -8.02 7.86
N ASN A 198 14.84 -7.36 6.72
CA ASN A 198 15.77 -6.22 6.75
C ASN A 198 15.14 -5.08 7.60
N ALA A 199 13.83 -4.82 7.41
CA ALA A 199 13.14 -3.79 8.19
C ALA A 199 13.19 -4.17 9.69
N HIS A 200 12.93 -5.45 10.00
CA HIS A 200 12.96 -5.91 11.40
C HIS A 200 14.34 -5.72 12.04
N LYS A 201 15.41 -5.75 11.22
CA LYS A 201 16.77 -5.53 11.70
C LYS A 201 17.09 -4.03 11.82
N ASN A 202 16.09 -3.13 11.60
CA ASN A 202 16.29 -1.70 11.70
C ASN A 202 17.40 -1.24 10.74
N ARG A 203 17.38 -1.85 9.52
CA ARG A 203 18.28 -1.41 8.46
C ARG A 203 17.51 -0.47 7.52
N GLU A 204 18.21 0.48 6.90
CA GLU A 204 17.52 1.33 5.94
C GLU A 204 16.76 0.48 4.91
N MET A 205 15.48 0.82 4.67
CA MET A 205 14.69 0.06 3.72
C MET A 205 15.03 0.44 2.30
N GLY A 206 14.93 -0.55 1.42
CA GLY A 206 15.08 -0.32 -0.01
C GLY A 206 13.85 -0.74 -0.78
N ARG A 207 13.95 -0.67 -2.11
CA ARG A 207 12.83 -1.05 -2.96
C ARG A 207 12.41 -2.51 -2.76
N HIS A 208 13.41 -3.36 -2.49
CA HIS A 208 13.15 -4.77 -2.29
C HIS A 208 12.26 -5.00 -1.05
N ASP A 209 12.33 -4.11 -0.04
CA ASP A 209 11.53 -4.32 1.17
C ASP A 209 10.07 -4.08 0.92
N ASP A 210 9.71 -3.18 -0.02
CA ASP A 210 8.29 -3.05 -0.39
C ASP A 210 7.85 -4.33 -1.13
N LEU A 211 8.78 -4.95 -1.90
CA LEU A 211 8.42 -6.19 -2.61
C LEU A 211 8.31 -7.37 -1.65
N TRP A 212 9.10 -7.39 -0.56
CA TRP A 212 8.89 -8.42 0.48
C TRP A 212 7.47 -8.28 1.07
N SER A 213 7.03 -7.04 1.32
CA SER A 213 5.68 -6.87 1.88
C SER A 213 4.61 -7.40 0.94
N LEU A 214 4.81 -7.17 -0.38
CA LEU A 214 3.89 -7.70 -1.38
C LEU A 214 3.92 -9.23 -1.32
N PHE A 215 5.13 -9.81 -1.22
CA PHE A 215 5.22 -11.30 -1.18
C PHE A 215 4.38 -11.83 0.00
N TYR A 216 4.57 -11.24 1.21
CA TYR A 216 3.78 -11.72 2.34
C TYR A 216 2.28 -11.51 2.16
N MET A 217 1.87 -10.38 1.57
CA MET A 217 0.44 -10.18 1.34
C MET A 217 -0.13 -11.25 0.44
N LEU A 218 0.60 -11.61 -0.66
CA LEU A 218 0.07 -12.61 -1.61
C LEU A 218 -0.03 -13.98 -0.96
N VAL A 219 0.95 -14.35 -0.12
CA VAL A 219 0.82 -15.63 0.60
C VAL A 219 -0.41 -15.58 1.50
N GLU A 220 -0.60 -14.47 2.24
CA GLU A 220 -1.76 -14.33 3.12
C GLU A 220 -3.08 -14.41 2.34
N PHE A 221 -3.14 -13.78 1.15
CA PHE A 221 -4.34 -13.84 0.34
C PHE A 221 -4.67 -15.28 -0.05
N ALA A 222 -3.68 -16.05 -0.50
CA ALA A 222 -3.95 -17.38 -1.06
C ALA A 222 -4.08 -18.48 -0.03
N VAL A 223 -3.34 -18.37 1.06
CA VAL A 223 -3.33 -19.34 2.16
C VAL A 223 -4.33 -18.98 3.29
N GLY A 224 -4.57 -17.68 3.46
CA GLY A 224 -5.49 -17.15 4.47
C GLY A 224 -4.84 -16.65 5.73
N GLN A 225 -3.55 -16.96 5.90
CA GLN A 225 -2.81 -16.55 7.10
C GLN A 225 -1.34 -16.65 6.85
N LEU A 226 -0.58 -15.96 7.71
CA LEU A 226 0.86 -16.06 7.81
C LEU A 226 1.21 -16.74 9.14
N PRO A 227 2.36 -17.40 9.25
CA PRO A 227 2.69 -18.10 10.52
C PRO A 227 2.69 -17.22 11.76
N TRP A 228 3.10 -15.96 11.60
CA TRP A 228 3.24 -15.02 12.72
C TRP A 228 2.02 -14.14 12.92
N ARG A 229 0.86 -14.49 12.33
CA ARG A 229 -0.33 -13.66 12.52
C ARG A 229 -0.70 -13.56 13.99
N LYS A 230 -1.17 -12.43 14.48
CA LYS A 230 -1.54 -12.36 15.93
C LYS A 230 -0.33 -12.64 16.94
N ILE A 231 0.93 -12.68 16.44
CA ILE A 231 2.12 -12.56 17.28
C ILE A 231 2.33 -11.05 17.09
N LYS A 232 2.20 -10.27 18.17
CA LYS A 232 2.22 -8.82 18.14
C LYS A 232 3.58 -8.20 18.36
N ASP A 233 4.43 -8.88 19.17
CA ASP A 233 5.77 -8.39 19.51
C ASP A 233 6.70 -8.26 18.30
N LYS A 234 7.15 -7.03 17.99
CA LYS A 234 8.05 -6.76 16.86
C LYS A 234 9.22 -7.71 16.80
N GLU A 235 10.00 -7.81 17.90
CA GLU A 235 11.21 -8.60 17.87
C GLU A 235 10.94 -10.06 17.61
N GLN A 236 9.89 -10.58 18.28
CA GLN A 236 9.54 -12.00 18.13
C GLN A 236 9.14 -12.28 16.66
N VAL A 237 8.33 -11.40 16.07
CA VAL A 237 7.94 -11.61 14.68
C VAL A 237 9.18 -11.63 13.76
N GLY A 238 10.09 -10.68 13.97
CA GLY A 238 11.28 -10.66 13.13
C GLY A 238 12.14 -11.90 13.26
N MET A 239 12.23 -12.43 14.51
CA MET A 239 13.02 -13.63 14.74
C MET A 239 12.37 -14.85 14.08
N ILE A 240 11.03 -14.90 14.09
CA ILE A 240 10.32 -15.99 13.40
C ILE A 240 10.57 -15.90 11.90
N LYS A 241 10.42 -14.70 11.32
CA LYS A 241 10.68 -14.57 9.89
C LYS A 241 12.14 -14.89 9.55
N GLU A 242 13.10 -14.47 10.39
CA GLU A 242 14.54 -14.71 10.15
C GLU A 242 14.84 -16.21 10.13
N LYS A 243 14.16 -17.00 10.99
CA LYS A 243 14.43 -18.44 11.11
C LYS A 243 13.50 -19.31 10.28
N TYR A 244 12.44 -18.72 9.73
CA TYR A 244 11.44 -19.44 8.94
C TYR A 244 11.91 -19.76 7.53
N GLU A 245 11.74 -21.03 7.11
CA GLU A 245 12.11 -21.41 5.75
C GLU A 245 10.99 -20.90 4.84
N HIS A 246 11.27 -19.80 4.10
CA HIS A 246 10.27 -19.13 3.27
C HIS A 246 9.76 -20.00 2.15
N ARG A 247 10.53 -21.02 1.76
CA ARG A 247 10.05 -21.95 0.75
C ARG A 247 8.86 -22.77 1.25
N MET A 248 8.77 -22.99 2.60
CA MET A 248 7.61 -23.67 3.22
C MET A 248 6.31 -22.85 3.02
N LEU A 249 6.44 -21.52 2.86
CA LEU A 249 5.32 -20.62 2.59
C LEU A 249 4.75 -20.81 1.20
N LEU A 250 5.56 -21.41 0.30
CA LEU A 250 5.22 -21.61 -1.10
C LEU A 250 4.65 -23.00 -1.41
N LYS A 251 4.48 -23.89 -0.41
CA LYS A 251 3.93 -25.24 -0.59
C LYS A 251 2.66 -25.27 -1.46
N HIS A 252 1.69 -24.37 -1.18
CA HIS A 252 0.42 -24.31 -1.92
C HIS A 252 0.31 -23.08 -2.86
N MET A 253 1.47 -22.48 -3.21
CA MET A 253 1.56 -21.32 -4.10
C MET A 253 2.05 -21.79 -5.50
N PRO A 254 1.83 -21.01 -6.60
CA PRO A 254 2.36 -21.42 -7.90
C PRO A 254 3.87 -21.56 -7.84
N SER A 255 4.41 -22.60 -8.51
CA SER A 255 5.85 -22.88 -8.50
C SER A 255 6.71 -21.71 -8.95
N GLU A 256 6.22 -20.85 -9.89
CA GLU A 256 7.06 -19.72 -10.32
C GLU A 256 7.33 -18.72 -9.20
N PHE A 257 6.64 -18.82 -8.04
CA PHE A 257 6.92 -17.89 -6.92
C PHE A 257 8.31 -18.14 -6.34
N HIS A 258 8.93 -19.31 -6.61
CA HIS A 258 10.29 -19.51 -6.14
C HIS A 258 11.28 -18.54 -6.80
N LEU A 259 11.00 -18.11 -8.04
CA LEU A 259 11.87 -17.14 -8.73
C LEU A 259 11.68 -15.77 -8.12
N PHE A 260 10.45 -15.45 -7.77
CA PHE A 260 10.12 -14.19 -7.08
C PHE A 260 10.87 -14.15 -5.75
N LEU A 261 10.74 -15.20 -4.93
CA LEU A 261 11.43 -15.27 -3.64
C LEU A 261 12.97 -15.18 -3.83
N ASP A 262 13.54 -16.00 -4.74
CA ASP A 262 14.97 -15.99 -4.94
C ASP A 262 15.49 -14.63 -5.40
N HIS A 263 14.72 -13.97 -6.28
CA HIS A 263 15.09 -12.65 -6.77
C HIS A 263 15.13 -11.62 -5.63
N ILE A 264 14.00 -11.48 -4.89
CA ILE A 264 14.00 -10.45 -3.85
C ILE A 264 15.00 -10.78 -2.71
N ALA A 265 15.26 -12.08 -2.44
CA ALA A 265 16.22 -12.46 -1.40
C ALA A 265 17.64 -12.09 -1.79
N SER A 266 17.91 -11.95 -3.12
CA SER A 266 19.24 -11.59 -3.66
C SER A 266 19.50 -10.09 -3.67
N LEU A 267 18.44 -9.26 -3.55
CA LEU A 267 18.59 -7.82 -3.62
C LEU A 267 19.13 -7.22 -2.35
N ASP A 268 19.70 -6.03 -2.51
CA ASP A 268 20.19 -5.26 -1.38
C ASP A 268 19.55 -3.88 -1.48
N TYR A 269 19.90 -3.00 -0.54
CA TYR A 269 19.36 -1.66 -0.50
C TYR A 269 19.59 -0.90 -1.81
N PHE A 270 20.74 -1.09 -2.44
CA PHE A 270 21.09 -0.27 -3.60
C PHE A 270 20.47 -0.70 -4.92
N THR A 271 20.26 -2.00 -5.10
CA THR A 271 19.98 -2.56 -6.41
C THR A 271 18.54 -2.39 -6.86
N LYS A 272 18.36 -1.92 -8.11
CA LYS A 272 17.01 -1.83 -8.64
C LYS A 272 16.41 -3.24 -8.85
N PRO A 273 15.19 -3.50 -8.33
CA PRO A 273 14.58 -4.82 -8.58
C PRO A 273 14.30 -5.05 -10.07
N ASP A 274 14.18 -6.34 -10.42
CA ASP A 274 13.77 -6.71 -11.78
C ASP A 274 12.25 -6.86 -11.72
N TYR A 275 11.55 -5.73 -11.85
CA TYR A 275 10.09 -5.75 -11.79
C TYR A 275 9.47 -6.62 -12.88
N GLN A 276 10.10 -6.65 -14.05
CA GLN A 276 9.60 -7.48 -15.18
C GLN A 276 9.66 -8.97 -14.81
N LEU A 277 10.71 -9.40 -14.11
CA LEU A 277 10.83 -10.80 -13.65
C LEU A 277 9.62 -11.14 -12.77
N ILE A 278 9.32 -10.25 -11.79
CA ILE A 278 8.18 -10.53 -10.90
C ILE A 278 6.86 -10.47 -11.66
N MET A 279 6.70 -9.50 -12.60
CA MET A 279 5.48 -9.41 -13.36
C MET A 279 5.28 -10.70 -14.15
N SER A 280 6.38 -11.24 -14.73
CA SER A 280 6.29 -12.51 -15.49
C SER A 280 5.87 -13.68 -14.59
N VAL A 281 6.30 -13.69 -13.33
CA VAL A 281 5.89 -14.72 -12.39
C VAL A 281 4.38 -14.71 -12.32
N PHE A 282 3.77 -13.52 -12.15
CA PHE A 282 2.32 -13.45 -12.05
C PHE A 282 1.64 -13.78 -13.36
N GLU A 283 2.12 -13.19 -14.49
CA GLU A 283 1.49 -13.42 -15.81
C GLU A 283 1.60 -14.88 -16.23
N ASN A 284 2.77 -15.50 -16.03
CA ASN A 284 2.96 -16.92 -16.40
C ASN A 284 2.09 -17.82 -15.52
N SER A 285 1.99 -17.50 -14.20
CA SER A 285 1.15 -18.26 -13.26
C SER A 285 -0.31 -18.19 -13.70
N MET A 286 -0.77 -17.02 -14.20
CA MET A 286 -2.14 -16.86 -14.68
C MET A 286 -2.36 -17.62 -15.99
N LYS A 287 -1.43 -17.47 -16.96
CA LYS A 287 -1.52 -18.12 -18.29
C LYS A 287 -1.66 -19.64 -18.13
N GLU A 288 -0.83 -20.25 -17.26
CA GLU A 288 -0.82 -21.69 -16.99
C GLU A 288 -2.14 -22.23 -16.41
N ARG A 289 -2.89 -21.37 -15.67
CA ARG A 289 -4.18 -21.72 -15.05
C ARG A 289 -5.40 -21.22 -15.84
N GLY A 290 -5.17 -20.54 -16.97
CA GLY A 290 -6.21 -19.98 -17.81
C GLY A 290 -6.95 -18.82 -17.18
N ILE A 291 -6.25 -18.02 -16.35
CA ILE A 291 -6.83 -16.87 -15.66
C ILE A 291 -6.81 -15.65 -16.57
N ALA A 292 -8.00 -15.08 -16.85
CA ALA A 292 -8.11 -13.89 -17.68
C ALA A 292 -8.54 -12.67 -16.85
N GLU A 293 -8.12 -11.49 -17.32
CA GLU A 293 -8.39 -10.19 -16.72
C GLU A 293 -9.89 -9.89 -16.60
N ASN A 294 -10.74 -10.41 -17.51
CA ASN A 294 -12.19 -10.17 -17.49
C ASN A 294 -12.96 -11.01 -16.45
N GLU A 295 -12.27 -11.93 -15.72
CA GLU A 295 -12.95 -12.77 -14.73
C GLU A 295 -13.51 -11.96 -13.58
N ALA A 296 -14.58 -12.45 -12.95
CA ALA A 296 -15.13 -11.74 -11.80
C ALA A 296 -14.12 -11.86 -10.65
N PHE A 297 -13.99 -10.81 -9.84
CA PHE A 297 -13.20 -10.93 -8.63
C PHE A 297 -14.06 -11.72 -7.62
N ASP A 298 -13.47 -12.29 -6.57
CA ASP A 298 -14.22 -13.13 -5.62
C ASP A 298 -15.45 -12.48 -4.96
N TRP A 299 -15.36 -11.16 -4.72
CA TRP A 299 -16.42 -10.41 -4.04
C TRP A 299 -17.55 -10.00 -4.99
N GLU A 300 -17.38 -10.24 -6.30
CA GLU A 300 -18.39 -9.97 -7.33
C GLU A 300 -19.22 -11.25 -7.47
N LYS A 301 -20.55 -11.13 -7.55
CA LYS A 301 -21.47 -12.28 -7.65
C LYS A 301 -21.86 -12.61 -9.12
N ALA A 302 -23.08 -13.18 -9.34
CA ALA A 302 -23.64 -13.59 -10.64
C ALA A 302 -22.62 -14.30 -11.55
N GLY A 303 -22.29 -15.53 -11.17
CA GLY A 303 -21.31 -16.36 -11.88
C GLY A 303 -19.87 -15.94 -11.63
N1 2KC B . -7.45 5.37 5.02
C2 2KC B . -7.04 4.11 4.39
C3 2KC B . -5.53 3.92 4.47
C4 2KC B . -5.05 3.90 5.92
C5 2KC B . -5.57 5.17 6.60
C6 2KC B . -7.07 5.33 6.43
N7 2KC B . -9.71 6.58 0.07
C8 2KC B . -8.66 7.41 -0.05
N9 2KC B . -7.77 7.75 0.89
C10 2KC B . -7.92 7.20 2.10
C11 2KC B . -8.97 6.31 2.41
C12 2KC B . -9.41 5.59 3.47
C13 2KC B . -10.55 4.84 3.06
C14 2KC B . -10.81 5.11 1.76
N15 2KC B . -6.98 7.49 3.04
C16 2KC B . -8.89 5.58 4.89
N17 2KC B . -9.84 6.03 1.31
C18 2KC B . -6.06 8.55 3.00
C19 2KC B . -4.75 8.35 3.41
C20 2KC B . -3.83 9.39 3.32
C21 2KC B . -4.22 10.62 2.80
C22 2KC B . -5.54 10.80 2.42
C23 2KC B . -6.46 9.79 2.52
O24 2KC B . -2.58 9.16 3.81
C25 2KC B . -5.53 2.61 6.63
N26 2KC B . -3.54 3.93 5.99
BR27 2KC B . -6.12 12.49 1.79
H28 2KC B . -7.30 4.13 3.33
H29 2KC B . -7.55 3.25 4.79
H30 2KC B . -5.02 4.70 3.92
H31 2KC B . -5.27 2.99 3.97
H32 2KC B . -5.07 6.04 6.18
H33 2KC B . -5.31 5.18 7.66
H34 2KC B . -7.61 4.57 6.99
H35 2KC B . -7.38 6.27 6.91
H36 2KC B . -8.52 7.84 -1.04
H37 2KC B . -11.12 4.17 3.70
H38 2KC B . -11.59 4.72 1.09
H39 2KC B . -6.87 6.88 3.84
H40 2KC B . -9.43 4.81 5.44
H41 2KC B . -9.24 6.50 5.35
H42 2KC B . -4.42 7.38 3.81
H43 2KC B . -3.51 11.44 2.69
H44 2KC B . -7.50 10.02 2.28
H45 2KC B . -2.04 9.98 3.70
H46 2KC B . -5.14 2.56 7.65
H47 2KC B . -5.20 1.71 6.12
H48 2KC B . -6.61 2.53 6.72
H49 2KC B . -3.10 3.33 6.68
H50 2KC B . -3.14 4.87 6.04
S SO4 C . 12.04 7.91 9.13
O1 SO4 C . 13.08 8.93 9.24
O2 SO4 C . 10.96 8.39 8.28
O3 SO4 C . 12.65 6.65 8.56
O4 SO4 C . 11.50 7.58 10.45
S SO4 D . -6.59 -11.31 10.40
O1 SO4 D . -7.74 -10.61 10.96
O2 SO4 D . -5.93 -10.44 9.44
O3 SO4 D . -7.06 -12.50 9.70
O4 SO4 D . -5.69 -11.71 11.47
S SO4 E . -26.25 16.87 -4.42
O1 SO4 E . -26.35 17.63 -3.15
O2 SO4 E . -25.36 17.58 -5.32
O3 SO4 E . -27.60 16.72 -4.98
O4 SO4 E . -25.72 15.53 -4.15
#